data_5SC2
#
_entry.id   5SC2
#
_cell.length_a   30.797
_cell.length_b   82.063
_cell.length_c   32.196
_cell.angle_alpha   90.000
_cell.angle_beta   117.700
_cell.angle_gamma   90.000
#
_symmetry.space_group_name_H-M   'P 1 21 1'
#
loop_
_entity.id
_entity.type
_entity.pdbx_description
1 polymer 'CD44 antigen'
2 non-polymer (3S)-N-[(1R)-1-cyclopropylethyl]-2-oxo-2,3-dihydropyridine-3-carboxamide
3 non-polymer 'DIMETHYL SULFOXIDE'
4 non-polymer 1,2-ETHANEDIOL
5 water water
#
_entity_poly.entity_id   1
_entity_poly.type   'polypeptide(L)'
_entity_poly.pdbx_seq_one_letter_code
;MNQIDLNVTCRYAGVFHVEKNGRYSISRTEAADLCQAFNSTLPTMDQMKLALSKGFETCRYGFIEGNVVIPRIHPNAICA
ANHTGVYILVTSNTSHYDTYCFNASAPPEEDCTSVTDLPNSFDGPVTITIVNRDGTRYSKKGEYRTHQEDID
;
_entity_poly.pdbx_strand_id   A
#
# COMPACT_ATOMS: atom_id res chain seq x y z
N ASN A 2 -20.13 -8.54 0.72
CA ASN A 2 -19.00 -8.55 -0.22
C ASN A 2 -18.24 -7.25 -0.01
N GLN A 3 -17.26 -7.27 0.89
CA GLN A 3 -16.60 -6.05 1.33
C GLN A 3 -15.10 -6.23 1.46
N ILE A 4 -14.34 -5.19 1.08
CA ILE A 4 -12.89 -5.15 1.25
C ILE A 4 -12.52 -3.84 1.95
N ASP A 5 -11.74 -3.91 3.04
N ASP A 5 -11.71 -3.91 3.00
CA ASP A 5 -11.23 -2.72 3.73
CA ASP A 5 -11.22 -2.71 3.68
C ASP A 5 -9.80 -2.52 3.26
C ASP A 5 -9.78 -2.50 3.31
N LEU A 6 -9.44 -1.29 2.93
CA LEU A 6 -8.07 -0.96 2.54
C LEU A 6 -7.59 0.13 3.45
N ASN A 7 -6.72 -0.20 4.39
CA ASN A 7 -6.16 0.81 5.30
C ASN A 7 -4.98 1.45 4.60
N VAL A 8 -4.97 2.79 4.50
CA VAL A 8 -3.90 3.52 3.80
C VAL A 8 -3.22 4.54 4.73
N THR A 9 -1.97 4.91 4.36
CA THR A 9 -1.19 5.85 5.12
C THR A 9 -1.08 7.19 4.40
N CYS A 10 -0.39 8.15 5.08
CA CYS A 10 0.19 9.32 4.47
C CYS A 10 1.00 8.88 3.23
N ARG A 11 1.20 9.80 2.29
CA ARG A 11 2.09 9.59 1.17
C ARG A 11 3.38 10.35 1.44
N TYR A 12 4.51 9.73 1.08
CA TYR A 12 5.82 10.37 1.24
C TYR A 12 6.49 10.32 -0.08
N ALA A 13 6.67 11.47 -0.75
CA ALA A 13 7.17 11.49 -2.13
C ALA A 13 6.33 10.53 -3.02
N GLY A 14 5.02 10.51 -2.77
CA GLY A 14 4.10 9.69 -3.56
C GLY A 14 3.90 8.25 -3.09
N VAL A 15 4.76 7.76 -2.20
CA VAL A 15 4.68 6.37 -1.75
C VAL A 15 3.80 6.23 -0.50
N PHE A 16 2.94 5.21 -0.51
CA PHE A 16 2.09 4.93 0.63
C PHE A 16 1.93 3.44 0.82
N HIS A 17 1.45 3.06 2.01
CA HIS A 17 1.24 1.66 2.38
C HIS A 17 -0.27 1.34 2.40
N VAL A 18 -0.62 0.12 1.91
CA VAL A 18 -2.00 -0.34 1.87
C VAL A 18 -2.05 -1.72 2.50
N GLU A 19 -2.88 -1.87 3.56
CA GLU A 19 -3.09 -3.13 4.23
C GLU A 19 -4.53 -3.55 3.96
N LYS A 20 -4.74 -4.78 3.43
CA LYS A 20 -6.09 -5.24 3.10
CA LYS A 20 -6.09 -5.23 3.12
C LYS A 20 -6.67 -6.10 4.21
N ASN A 21 -7.88 -5.75 4.65
CA ASN A 21 -8.64 -6.53 5.63
C ASN A 21 -7.91 -6.84 6.91
N GLY A 22 -7.06 -5.93 7.34
CA GLY A 22 -6.39 -6.05 8.61
C GLY A 22 -5.45 -7.21 8.79
N ARG A 23 -4.96 -7.82 7.68
CA ARG A 23 -4.00 -8.91 7.78
C ARG A 23 -3.21 -9.02 6.50
N TYR A 24 -2.07 -9.72 6.51
CA TYR A 24 -1.31 -9.94 5.26
C TYR A 24 -2.17 -10.77 4.32
N SER A 25 -2.59 -10.22 3.21
CA SER A 25 -3.58 -10.91 2.37
C SER A 25 -3.52 -10.58 0.92
N ILE A 26 -2.44 -9.92 0.48
CA ILE A 26 -2.34 -9.49 -0.91
C ILE A 26 -1.26 -10.28 -1.65
N SER A 27 -1.57 -10.84 -2.80
CA SER A 27 -0.57 -11.50 -3.66
C SER A 27 0.13 -10.45 -4.51
N ARG A 28 1.24 -10.80 -5.16
CA ARG A 28 1.93 -9.84 -6.04
C ARG A 28 1.02 -9.33 -7.17
N THR A 29 0.25 -10.25 -7.79
CA THR A 29 -0.65 -9.82 -8.88
C THR A 29 -1.73 -8.89 -8.35
N GLU A 30 -2.30 -9.20 -7.18
CA GLU A 30 -3.33 -8.33 -6.60
CA GLU A 30 -3.32 -8.33 -6.62
C GLU A 30 -2.75 -6.96 -6.26
N ALA A 31 -1.51 -6.93 -5.79
CA ALA A 31 -0.87 -5.67 -5.42
C ALA A 31 -0.75 -4.74 -6.59
N ALA A 32 -0.34 -5.25 -7.77
CA ALA A 32 -0.21 -4.37 -8.94
C ALA A 32 -1.57 -3.81 -9.33
N ASP A 33 -2.61 -4.67 -9.26
CA ASP A 33 -3.96 -4.24 -9.65
C ASP A 33 -4.51 -3.23 -8.66
N LEU A 34 -4.19 -3.42 -7.37
CA LEU A 34 -4.64 -2.54 -6.31
CA LEU A 34 -4.63 -2.56 -6.29
C LEU A 34 -4.04 -1.17 -6.49
N CYS A 35 -2.70 -1.10 -6.72
CA CYS A 35 -2.08 0.21 -6.96
C CYS A 35 -2.66 0.87 -8.22
N GLN A 36 -2.95 0.07 -9.25
CA GLN A 36 -3.55 0.64 -10.49
C GLN A 36 -4.89 1.30 -10.20
N ALA A 37 -5.67 0.76 -9.24
CA ALA A 37 -6.96 1.38 -8.88
C ALA A 37 -6.76 2.75 -8.23
N PHE A 38 -5.60 3.00 -7.58
CA PHE A 38 -5.26 4.31 -7.01
C PHE A 38 -4.46 5.15 -8.04
N ASN A 39 -4.51 4.82 -9.35
CA ASN A 39 -3.71 5.53 -10.37
CA ASN A 39 -3.72 5.51 -10.37
C ASN A 39 -2.23 5.51 -9.98
N SER A 40 -1.77 4.38 -9.45
CA SER A 40 -0.44 4.24 -8.90
C SER A 40 0.19 2.96 -9.41
N THR A 41 1.46 2.76 -9.06
CA THR A 41 2.21 1.59 -9.47
C THR A 41 2.97 1.07 -8.27
N LEU A 42 3.53 -0.14 -8.36
CA LEU A 42 4.39 -0.63 -7.29
CA LEU A 42 4.40 -0.64 -7.29
C LEU A 42 5.64 0.25 -7.29
N PRO A 43 6.07 0.79 -6.14
CA PRO A 43 7.26 1.66 -6.16
C PRO A 43 8.51 0.96 -6.63
N THR A 44 9.41 1.70 -7.31
CA THR A 44 10.74 1.17 -7.52
C THR A 44 11.50 1.29 -6.20
N MET A 45 12.61 0.56 -6.08
CA MET A 45 13.47 0.69 -4.90
C MET A 45 13.95 2.14 -4.73
N ASP A 46 14.30 2.81 -5.85
CA ASP A 46 14.71 4.23 -5.73
C ASP A 46 13.57 5.12 -5.20
N GLN A 47 12.33 4.91 -5.70
CA GLN A 47 11.20 5.72 -5.18
C GLN A 47 10.97 5.45 -3.69
N MET A 48 11.11 4.17 -3.27
CA MET A 48 10.91 3.86 -1.85
C MET A 48 12.03 4.48 -1.00
N LYS A 49 13.29 4.45 -1.46
CA LYS A 49 14.39 5.08 -0.68
C LYS A 49 14.14 6.59 -0.54
N LEU A 50 13.63 7.25 -1.60
CA LEU A 50 13.38 8.69 -1.45
C LEU A 50 12.24 8.93 -0.46
N ALA A 51 11.19 8.09 -0.50
CA ALA A 51 10.06 8.22 0.45
C ALA A 51 10.58 8.04 1.89
N LEU A 52 11.44 7.03 2.13
CA LEU A 52 12.07 6.83 3.43
CA LEU A 52 12.01 6.85 3.44
C LEU A 52 12.77 8.11 3.90
N SER A 53 13.54 8.74 3.00
CA SER A 53 14.30 9.95 3.35
C SER A 53 13.39 11.13 3.75
N LYS A 54 12.12 11.12 3.31
CA LYS A 54 11.14 12.16 3.63
C LYS A 54 10.34 11.87 4.90
N GLY A 55 10.54 10.71 5.52
CA GLY A 55 9.87 10.39 6.79
C GLY A 55 9.02 9.14 6.80
N PHE A 56 9.05 8.37 5.72
CA PHE A 56 8.21 7.15 5.63
C PHE A 56 8.82 5.96 6.36
N GLU A 57 8.03 5.40 7.29
CA GLU A 57 8.36 4.11 7.87
C GLU A 57 7.10 3.38 8.22
N THR A 58 7.14 2.06 8.15
CA THR A 58 6.01 1.22 8.63
C THR A 58 6.63 0.05 9.44
N CYS A 59 5.78 -0.81 10.02
CA CYS A 59 6.23 -2.04 10.64
C CYS A 59 5.55 -3.24 9.97
N ARG A 60 5.35 -3.16 8.66
CA ARG A 60 4.66 -4.23 7.93
C ARG A 60 5.33 -4.53 6.59
N TYR A 61 5.46 -5.81 6.26
CA TYR A 61 6.00 -6.20 4.96
C TYR A 61 5.04 -5.84 3.84
N GLY A 62 5.56 -5.28 2.75
CA GLY A 62 4.72 -5.04 1.58
C GLY A 62 5.50 -5.03 0.29
N PHE A 63 4.82 -5.38 -0.80
CA PHE A 63 5.48 -5.41 -2.10
C PHE A 63 5.90 -4.03 -2.56
N ILE A 64 7.05 -4.01 -3.20
CA ILE A 64 7.49 -2.97 -4.11
C ILE A 64 7.80 -3.73 -5.43
N GLU A 65 8.28 -3.03 -6.46
CA GLU A 65 8.69 -3.72 -7.67
C GLU A 65 9.92 -4.59 -7.36
N GLY A 66 9.78 -5.91 -7.51
CA GLY A 66 10.90 -6.85 -7.38
C GLY A 66 11.15 -7.44 -6.02
N ASN A 67 10.68 -6.79 -4.94
CA ASN A 67 10.97 -7.24 -3.59
C ASN A 67 9.82 -6.98 -2.63
N VAL A 68 9.91 -7.58 -1.44
CA VAL A 68 9.01 -7.32 -0.32
C VAL A 68 9.85 -6.64 0.75
N VAL A 69 9.40 -5.45 1.24
CA VAL A 69 10.23 -4.64 2.11
C VAL A 69 9.47 -4.05 3.29
N ILE A 70 10.25 -3.50 4.26
CA ILE A 70 9.76 -2.65 5.33
C ILE A 70 10.65 -1.44 5.36
N PRO A 71 10.12 -0.22 5.11
CA PRO A 71 10.97 0.98 5.29
C PRO A 71 11.04 1.32 6.79
N ARG A 72 12.28 1.48 7.31
CA ARG A 72 12.50 1.80 8.71
C ARG A 72 13.35 3.03 8.92
N ILE A 73 12.90 3.93 9.80
CA ILE A 73 13.70 5.10 10.19
C ILE A 73 14.28 4.80 11.56
N HIS A 74 13.42 4.43 12.52
CA HIS A 74 13.87 4.23 13.90
C HIS A 74 14.04 2.76 14.20
N PRO A 75 15.16 2.38 14.83
CA PRO A 75 15.35 0.95 15.13
C PRO A 75 14.33 0.48 16.18
N ASN A 76 13.62 -0.59 15.87
CA ASN A 76 12.64 -1.17 16.79
C ASN A 76 12.84 -2.67 16.69
N ALA A 77 13.06 -3.34 17.85
CA ALA A 77 13.37 -4.77 17.84
C ALA A 77 12.32 -5.68 17.18
N ILE A 78 11.04 -5.29 17.21
CA ILE A 78 10.00 -6.11 16.58
C ILE A 78 9.61 -5.63 15.16
N CYS A 79 10.36 -4.68 14.58
CA CYS A 79 10.10 -4.21 13.22
C CYS A 79 11.35 -4.41 12.41
N ALA A 80 11.34 -5.35 11.47
CA ALA A 80 12.50 -5.62 10.60
C ALA A 80 13.77 -5.92 11.40
N ALA A 81 13.63 -6.70 12.46
CA ALA A 81 14.76 -7.12 13.30
C ALA A 81 15.73 -5.98 13.69
N ASN A 82 15.16 -4.83 14.07
CA ASN A 82 15.89 -3.66 14.55
C ASN A 82 16.70 -2.89 13.48
N HIS A 83 16.52 -3.23 12.19
CA HIS A 83 17.24 -2.54 11.13
C HIS A 83 16.66 -1.18 10.81
N THR A 84 17.47 -0.34 10.17
CA THR A 84 17.00 0.92 9.60
C THR A 84 17.25 0.88 8.09
N GLY A 85 16.63 1.80 7.34
CA GLY A 85 16.76 1.78 5.88
C GLY A 85 15.63 0.96 5.28
N VAL A 86 15.65 0.71 3.99
CA VAL A 86 14.65 -0.13 3.35
C VAL A 86 15.08 -1.58 3.63
N TYR A 87 14.40 -2.24 4.56
CA TYR A 87 14.73 -3.62 4.92
C TYR A 87 14.11 -4.55 3.92
N ILE A 88 14.92 -5.40 3.31
CA ILE A 88 14.44 -6.34 2.32
C ILE A 88 14.21 -7.71 2.90
N LEU A 89 13.01 -8.25 2.71
CA LEU A 89 12.71 -9.62 3.14
C LEU A 89 13.51 -10.60 2.29
N VAL A 90 14.30 -11.48 2.95
CA VAL A 90 15.15 -12.42 2.21
C VAL A 90 14.53 -13.79 2.18
N THR A 91 14.10 -14.33 3.32
CA THR A 91 13.64 -15.69 3.42
C THR A 91 12.29 -15.81 4.04
N SER A 92 11.34 -16.33 3.28
CA SER A 92 9.99 -16.56 3.76
C SER A 92 9.40 -17.74 3.02
N ASN A 93 8.57 -18.53 3.70
CA ASN A 93 7.88 -19.63 3.02
C ASN A 93 6.72 -19.14 2.19
N THR A 94 6.14 -17.95 2.53
CA THR A 94 4.82 -17.52 2.13
C THR A 94 4.77 -16.36 1.16
N SER A 95 3.59 -16.19 0.53
CA SER A 95 3.46 -15.34 -0.63
C SER A 95 2.61 -14.12 -0.49
N HIS A 96 1.90 -13.95 0.64
CA HIS A 96 0.93 -12.84 0.76
C HIS A 96 1.36 -11.80 1.78
N TYR A 97 1.34 -10.53 1.35
CA TYR A 97 1.85 -9.45 2.22
C TYR A 97 0.88 -8.27 2.12
N ASP A 98 1.30 -7.10 2.61
CA ASP A 98 0.56 -5.87 2.29
C ASP A 98 1.20 -5.35 0.95
N THR A 99 0.84 -4.13 0.54
CA THR A 99 1.56 -3.54 -0.60
C THR A 99 1.93 -2.11 -0.34
N TYR A 100 2.95 -1.63 -1.08
CA TYR A 100 3.19 -0.21 -1.19
C TYR A 100 2.72 0.17 -2.59
N CYS A 101 2.39 1.45 -2.76
CA CYS A 101 1.97 2.04 -4.04
C CYS A 101 2.66 3.40 -4.18
N PHE A 102 2.85 3.83 -5.43
CA PHE A 102 3.47 5.11 -5.76
C PHE A 102 2.55 5.87 -6.68
N ASN A 103 2.15 7.08 -6.28
CA ASN A 103 1.31 7.98 -7.05
C ASN A 103 2.13 9.19 -7.45
N ALA A 104 2.43 9.32 -8.74
CA ALA A 104 3.29 10.36 -9.25
C ALA A 104 2.75 11.76 -9.09
N SER A 105 1.42 11.93 -8.93
CA SER A 105 0.78 13.24 -8.80
CA SER A 105 0.86 13.27 -8.81
C SER A 105 0.71 13.75 -7.37
N ALA A 106 1.18 12.93 -6.38
CA ALA A 106 1.14 13.34 -5.00
C ALA A 106 2.17 14.45 -4.76
N PRO A 107 2.11 15.09 -3.58
CA PRO A 107 3.11 16.12 -3.25
C PRO A 107 4.53 15.50 -3.10
N PRO A 108 5.57 16.33 -3.24
CA PRO A 108 6.93 15.78 -3.20
C PRO A 108 7.43 15.25 -1.87
N GLU A 109 6.88 15.76 -0.75
CA GLU A 109 7.40 15.37 0.54
C GLU A 109 6.30 14.68 1.35
N GLU A 110 6.06 15.02 2.60
CA GLU A 110 5.04 14.35 3.41
C GLU A 110 3.69 14.89 3.09
N ASP A 111 2.77 14.03 2.75
CA ASP A 111 1.38 14.40 2.54
C ASP A 111 0.51 13.53 3.46
N CYS A 112 0.14 14.11 4.60
CA CYS A 112 -0.68 13.42 5.58
C CYS A 112 -2.13 13.84 5.53
N THR A 113 -2.59 14.31 4.38
CA THR A 113 -4.02 14.48 4.16
C THR A 113 -4.59 13.08 3.93
N SER A 114 -5.90 12.97 4.10
CA SER A 114 -6.57 11.70 3.88
C SER A 114 -6.81 11.39 2.39
N VAL A 115 -6.96 10.08 2.10
CA VAL A 115 -7.29 9.60 0.75
C VAL A 115 -8.82 9.54 0.69
N THR A 116 -9.41 10.18 -0.31
CA THR A 116 -10.86 10.26 -0.45
C THR A 116 -11.35 9.82 -1.82
N ASP A 117 -10.56 9.02 -2.57
CA ASP A 117 -10.96 8.55 -3.88
C ASP A 117 -10.19 7.25 -4.22
N LEU A 118 -10.77 6.40 -5.05
CA LEU A 118 -10.16 5.19 -5.63
C LEU A 118 -10.48 5.38 -7.11
N PRO A 119 -9.72 6.24 -7.80
CA PRO A 119 -10.18 6.76 -9.09
C PRO A 119 -10.22 5.83 -10.25
N ASN A 120 -9.47 4.75 -10.19
CA ASN A 120 -9.35 3.84 -11.31
C ASN A 120 -9.85 2.46 -11.04
N SER A 121 -10.73 2.28 -10.05
CA SER A 121 -11.40 0.99 -9.87
C SER A 121 -12.41 0.85 -11.04
N PHE A 122 -12.79 -0.37 -11.32
CA PHE A 122 -13.74 -0.62 -12.40
C PHE A 122 -15.08 -1.12 -11.86
N ASP A 123 -16.07 -1.30 -12.76
CA ASP A 123 -17.38 -1.77 -12.34
C ASP A 123 -17.29 -3.14 -11.67
N GLY A 124 -18.05 -3.33 -10.61
CA GLY A 124 -18.04 -4.60 -9.91
C GLY A 124 -18.95 -4.60 -8.71
N PRO A 125 -19.00 -5.73 -8.02
CA PRO A 125 -20.00 -5.88 -6.94
C PRO A 125 -19.51 -5.65 -5.51
N VAL A 126 -18.23 -5.38 -5.34
CA VAL A 126 -17.64 -5.29 -4.01
C VAL A 126 -17.77 -3.92 -3.39
N THR A 127 -18.13 -3.83 -2.10
CA THR A 127 -18.08 -2.53 -1.41
C THR A 127 -16.61 -2.35 -0.93
N ILE A 128 -15.89 -1.44 -1.56
CA ILE A 128 -14.49 -1.22 -1.21
C ILE A 128 -14.43 0.01 -0.33
N THR A 129 -13.85 -0.14 0.87
CA THR A 129 -13.74 0.99 1.78
C THR A 129 -12.31 1.37 2.06
N ILE A 130 -11.94 2.61 1.76
CA ILE A 130 -10.62 3.15 2.06
CA ILE A 130 -10.62 3.15 2.06
C ILE A 130 -10.72 3.68 3.49
N VAL A 131 -9.85 3.18 4.38
CA VAL A 131 -9.81 3.59 5.77
C VAL A 131 -8.52 4.35 6.02
N ASN A 132 -8.62 5.62 6.40
CA ASN A 132 -7.46 6.42 6.71
C ASN A 132 -7.04 6.22 8.13
N ARG A 133 -5.81 6.60 8.46
CA ARG A 133 -5.28 6.43 9.80
CA ARG A 133 -5.31 6.41 9.82
C ARG A 133 -6.08 7.22 10.84
N ASP A 134 -6.64 8.38 10.42
CA ASP A 134 -7.49 9.16 11.30
C ASP A 134 -8.94 8.65 11.34
N GLY A 135 -9.22 7.49 10.73
CA GLY A 135 -10.53 6.87 10.78
C GLY A 135 -11.50 7.29 9.68
N THR A 136 -11.18 8.40 8.97
CA THR A 136 -12.10 8.81 7.91
C THR A 136 -12.14 7.79 6.80
N ARG A 137 -13.34 7.58 6.29
CA ARG A 137 -13.57 6.55 5.29
CA ARG A 137 -13.57 6.55 5.29
C ARG A 137 -14.16 7.07 3.99
N TYR A 138 -13.86 6.35 2.91
CA TYR A 138 -14.44 6.62 1.59
C TYR A 138 -14.82 5.24 1.06
N SER A 139 -16.05 5.05 0.58
CA SER A 139 -16.47 3.76 0.07
C SER A 139 -17.05 3.88 -1.29
N LYS A 140 -16.87 2.84 -2.09
CA LYS A 140 -17.45 2.79 -3.43
CA LYS A 140 -17.33 2.81 -3.47
C LYS A 140 -17.64 1.34 -3.83
N LYS A 141 -18.65 1.11 -4.66
CA LYS A 141 -18.93 -0.23 -5.15
C LYS A 141 -18.11 -0.43 -6.42
N GLY A 142 -17.35 -1.51 -6.49
CA GLY A 142 -16.55 -1.77 -7.69
C GLY A 142 -15.74 -3.03 -7.60
N GLU A 143 -14.65 -3.04 -8.33
CA GLU A 143 -13.70 -4.14 -8.31
C GLU A 143 -12.36 -3.60 -8.81
N TYR A 144 -11.26 -4.22 -8.35
CA TYR A 144 -9.92 -3.85 -8.86
C TYR A 144 -9.11 -5.08 -9.29
N ARG A 145 -9.51 -6.29 -8.88
CA ARG A 145 -8.76 -7.51 -9.16
C ARG A 145 -9.01 -8.01 -10.56
N THR A 146 -7.97 -8.13 -11.38
CA THR A 146 -8.08 -8.63 -12.73
C THR A 146 -7.73 -10.11 -12.87
N HIS A 147 -7.14 -10.72 -11.85
CA HIS A 147 -6.76 -12.14 -11.91
C HIS A 147 -7.79 -12.95 -11.09
N GLN A 148 -8.51 -13.90 -11.72
CA GLN A 148 -9.51 -14.71 -11.00
C GLN A 148 -8.98 -15.43 -9.79
N GLU A 149 -7.70 -15.89 -9.83
CA GLU A 149 -7.09 -16.57 -8.70
C GLU A 149 -6.94 -15.68 -7.46
N ASP A 150 -7.03 -14.34 -7.63
CA ASP A 150 -7.00 -13.41 -6.51
C ASP A 150 -8.41 -13.18 -5.91
N ILE A 151 -9.47 -13.55 -6.63
CA ILE A 151 -10.84 -13.38 -6.15
C ILE A 151 -11.34 -14.64 -5.47
#